data_3H13
#
_entry.id   3H13
#
_cell.length_a   101.940
_cell.length_b   101.940
_cell.length_c   61.360
_cell.angle_alpha   90.00
_cell.angle_beta   90.00
_cell.angle_gamma   120.00
#
_symmetry.space_group_name_H-M   'P 31 2 1'
#
loop_
_entity.id
_entity.type
_entity.pdbx_description
1 polymer 'CASP8 and FADD-like apoptosis regulator'
2 water water
#
_entity_poly.entity_id   1
_entity_poly.type   'polypeptide(L)'
_entity_poly.pdbx_seq_one_letter_code
;KEQRLKEQLGAQQEPVKKSIQESEAFLPQSIPEERYKMKSKPLGICLIIDCIGNETELLRDTFTSLGYEVQKFLHLSMHG
ISQILGQFACMPEHRDYDSFVCVLVSRGGSQSVYGVDQTHSGLPLHHIRRMFMGDSCPYLAGKPKMFFIQNYVVSEGQLE
NSSLLEVDGPAMKNVEFKAQKRGLCTVHREADFFWSLCTADMSLLEQSHSSPSLYLQCLSQKLRQERKRPLLDLHIELNG
YMYDWNSRVSAKEKYYVWLQHTLRKKLILSYT
;
_entity_poly.pdbx_strand_id   A
#
# COMPACT_ATOMS: atom_id res chain seq x y z
N PRO A 32 11.14 -1.45 27.91
CA PRO A 32 9.75 -0.94 28.00
C PRO A 32 9.03 -0.74 26.67
N GLU A 33 9.56 0.10 25.78
CA GLU A 33 8.90 0.37 24.49
C GLU A 33 8.61 -0.85 23.61
N GLU A 34 7.32 -1.14 23.45
CA GLU A 34 6.89 -2.27 22.64
C GLU A 34 7.15 -2.07 21.15
N ARG A 35 7.49 -3.17 20.49
CA ARG A 35 7.77 -3.15 19.07
C ARG A 35 7.19 -4.41 18.45
N TYR A 36 6.58 -4.29 17.27
CA TYR A 36 6.01 -5.45 16.59
C TYR A 36 7.10 -6.45 16.29
N LYS A 37 6.80 -7.72 16.51
CA LYS A 37 7.76 -8.77 16.21
C LYS A 37 7.98 -8.80 14.69
N MET A 38 9.23 -8.71 14.27
CA MET A 38 9.60 -8.72 12.85
C MET A 38 10.83 -9.60 12.65
N LYS A 39 10.65 -10.91 12.62
CA LYS A 39 11.80 -11.81 12.47
C LYS A 39 11.64 -12.94 11.49
N SER A 40 10.40 -13.28 11.14
CA SER A 40 10.16 -14.38 10.23
C SER A 40 10.88 -14.20 8.89
N LYS A 41 11.13 -15.30 8.21
CA LYS A 41 11.75 -15.27 6.89
C LYS A 41 10.82 -16.08 6.01
N PRO A 42 10.10 -15.42 5.10
CA PRO A 42 10.15 -13.96 4.88
C PRO A 42 9.39 -13.19 5.95
N LEU A 43 9.56 -11.87 5.96
CA LEU A 43 8.86 -11.00 6.91
C LEU A 43 7.37 -11.17 6.66
N GLY A 44 7.03 -11.49 5.41
CA GLY A 44 5.64 -11.71 5.07
C GLY A 44 5.45 -11.69 3.58
N ILE A 45 4.21 -11.74 3.16
CA ILE A 45 3.91 -11.68 1.74
C ILE A 45 3.65 -10.20 1.40
N CYS A 46 4.12 -9.77 0.25
CA CYS A 46 3.86 -8.41 -0.22
C CYS A 46 3.06 -8.59 -1.52
N LEU A 47 1.78 -8.28 -1.46
CA LEU A 47 0.88 -8.38 -2.61
C LEU A 47 0.88 -7.05 -3.36
N ILE A 48 1.23 -7.09 -4.64
CA ILE A 48 1.25 -5.89 -5.45
C ILE A 48 0.28 -6.05 -6.62
N ILE A 49 -0.68 -5.13 -6.69
CA ILE A 49 -1.67 -5.09 -7.75
C ILE A 49 -1.47 -3.77 -8.48
N ASP A 50 -0.93 -3.81 -9.70
CA ASP A 50 -0.70 -2.59 -10.48
C ASP A 50 -1.63 -2.66 -11.67
N CYS A 51 -2.73 -1.91 -11.60
CA CYS A 51 -3.70 -1.89 -12.69
C CYS A 51 -3.40 -0.78 -13.68
N ILE A 52 -2.32 -0.05 -13.48
CA ILE A 52 -1.98 1.02 -14.42
C ILE A 52 -0.76 0.70 -15.26
N GLY A 53 0.27 0.11 -14.63
CA GLY A 53 1.48 -0.21 -15.36
C GLY A 53 2.62 0.74 -15.05
N ASN A 54 2.54 1.53 -13.98
CA ASN A 54 3.66 2.40 -13.68
C ASN A 54 4.38 2.11 -12.36
N GLU A 55 4.06 0.98 -11.72
CA GLU A 55 4.69 0.66 -10.45
C GLU A 55 6.20 0.52 -10.62
N THR A 56 6.63 0.23 -11.86
CA THR A 56 8.05 0.19 -12.20
C THR A 56 9.00 -0.69 -11.33
N GLU A 57 8.45 -1.74 -10.70
CA GLU A 57 9.23 -2.64 -9.84
C GLU A 57 9.83 -1.88 -8.63
N LEU A 58 9.46 -0.61 -8.46
CA LEU A 58 10.00 0.15 -7.33
C LEU A 58 9.71 -0.51 -5.98
N LEU A 59 8.45 -0.88 -5.75
CA LEU A 59 8.09 -1.51 -4.49
C LEU A 59 8.34 -3.02 -4.53
N ARG A 60 8.35 -3.62 -5.73
CA ARG A 60 8.67 -5.04 -5.82
C ARG A 60 10.12 -5.16 -5.34
N ASP A 61 11.01 -4.32 -5.86
CA ASP A 61 12.40 -4.36 -5.45
C ASP A 61 12.60 -3.95 -4.00
N THR A 62 11.88 -2.91 -3.56
CA THR A 62 12.03 -2.46 -2.19
C THR A 62 11.62 -3.51 -1.18
N PHE A 63 10.42 -4.05 -1.32
CA PHE A 63 9.98 -5.04 -0.38
C PHE A 63 10.74 -6.36 -0.52
N THR A 64 11.20 -6.70 -1.72
CA THR A 64 11.97 -7.94 -1.86
C THR A 64 13.24 -7.71 -1.02
N SER A 65 13.84 -6.54 -1.14
CA SER A 65 15.05 -6.23 -0.39
C SER A 65 14.84 -6.19 1.13
N LEU A 66 13.63 -5.87 1.59
CA LEU A 66 13.35 -5.84 3.02
C LEU A 66 13.12 -7.24 3.57
N GLY A 67 12.88 -8.22 2.69
CA GLY A 67 12.66 -9.58 3.14
C GLY A 67 11.26 -10.13 2.93
N TYR A 68 10.49 -9.51 2.05
CA TYR A 68 9.14 -9.99 1.77
C TYR A 68 9.14 -10.86 0.52
N GLU A 69 8.12 -11.71 0.43
CA GLU A 69 7.94 -12.56 -0.74
C GLU A 69 6.91 -11.81 -1.57
N VAL A 70 7.35 -11.24 -2.69
CA VAL A 70 6.44 -10.46 -3.51
C VAL A 70 5.73 -11.23 -4.62
N GLN A 71 4.43 -10.96 -4.74
CA GLN A 71 3.58 -11.51 -5.78
C GLN A 71 2.87 -10.31 -6.37
N LYS A 72 3.10 -10.08 -7.66
CA LYS A 72 2.53 -8.95 -8.37
C LYS A 72 1.58 -9.37 -9.50
N PHE A 73 0.50 -8.61 -9.65
CA PHE A 73 -0.50 -8.86 -10.66
C PHE A 73 -0.77 -7.56 -11.44
N LEU A 74 -1.11 -7.73 -12.71
CA LEU A 74 -1.37 -6.62 -13.63
C LEU A 74 -2.74 -6.74 -14.29
N HIS A 75 -3.21 -5.64 -14.84
CA HIS A 75 -4.48 -5.62 -15.58
C HIS A 75 -5.66 -6.40 -14.97
N LEU A 76 -6.01 -6.05 -13.74
CA LEU A 76 -7.13 -6.70 -13.06
C LEU A 76 -8.35 -5.79 -13.03
N SER A 77 -9.52 -6.38 -13.23
CA SER A 77 -10.79 -5.66 -13.14
C SER A 77 -11.12 -5.64 -11.64
N MET A 78 -12.22 -4.98 -11.27
CA MET A 78 -12.62 -4.94 -9.85
C MET A 78 -12.82 -6.38 -9.37
N HIS A 79 -13.47 -7.20 -10.20
CA HIS A 79 -13.74 -8.61 -9.86
C HIS A 79 -12.40 -9.35 -9.72
N GLY A 80 -11.44 -9.07 -10.60
CA GLY A 80 -10.15 -9.72 -10.50
C GLY A 80 -9.46 -9.32 -9.18
N ILE A 81 -9.56 -8.04 -8.82
CA ILE A 81 -8.96 -7.55 -7.58
C ILE A 81 -9.53 -8.28 -6.35
N SER A 82 -10.85 -8.39 -6.28
CA SER A 82 -11.50 -9.09 -5.17
C SER A 82 -11.12 -10.57 -5.14
N GLN A 83 -11.06 -11.21 -6.30
CA GLN A 83 -10.69 -12.61 -6.35
C GLN A 83 -9.32 -12.79 -5.73
N ILE A 84 -8.35 -11.99 -6.17
CA ILE A 84 -7.00 -12.10 -5.66
C ILE A 84 -6.89 -11.67 -4.18
N LEU A 85 -7.54 -10.56 -3.81
CA LEU A 85 -7.47 -10.14 -2.41
C LEU A 85 -8.05 -11.26 -1.52
N GLY A 86 -9.17 -11.84 -1.95
CA GLY A 86 -9.80 -12.93 -1.20
C GLY A 86 -8.88 -14.11 -1.00
N GLN A 87 -8.12 -14.44 -2.03
CA GLN A 87 -7.19 -15.55 -1.92
C GLN A 87 -6.03 -15.24 -0.98
N PHE A 88 -5.53 -14.01 -1.01
CA PHE A 88 -4.41 -13.69 -0.14
C PHE A 88 -4.83 -13.56 1.32
N ALA A 89 -6.06 -13.19 1.57
CA ALA A 89 -6.55 -13.08 2.93
C ALA A 89 -6.69 -14.49 3.58
N CYS A 90 -6.88 -15.51 2.75
CA CYS A 90 -7.06 -16.92 3.18
C CYS A 90 -5.82 -17.76 3.29
N MET A 91 -4.69 -17.29 2.78
CA MET A 91 -3.50 -18.13 2.84
C MET A 91 -3.13 -18.51 4.28
N PRO A 92 -2.93 -19.82 4.52
CA PRO A 92 -2.57 -20.25 5.86
C PRO A 92 -1.11 -19.94 6.16
N GLU A 93 -0.29 -19.69 5.14
CA GLU A 93 1.09 -19.37 5.43
C GLU A 93 1.30 -18.06 6.19
N HIS A 94 0.27 -17.23 6.30
CA HIS A 94 0.44 -15.98 7.05
C HIS A 94 0.78 -16.38 8.48
N ARG A 95 0.22 -17.51 8.91
CA ARG A 95 0.44 -18.05 10.25
C ARG A 95 1.90 -18.04 10.63
N ASP A 96 2.76 -18.29 9.67
CA ASP A 96 4.20 -18.32 9.91
C ASP A 96 4.92 -17.01 9.65
N TYR A 97 4.19 -15.96 9.26
CA TYR A 97 4.83 -14.66 8.96
C TYR A 97 4.48 -13.62 10.03
N ASP A 98 5.31 -12.59 10.15
CA ASP A 98 5.09 -11.55 11.15
C ASP A 98 4.29 -10.34 10.67
N SER A 99 4.09 -10.23 9.36
CA SER A 99 3.38 -9.08 8.80
C SER A 99 2.88 -9.33 7.38
N PHE A 100 2.12 -8.36 6.86
CA PHE A 100 1.55 -8.38 5.52
C PHE A 100 1.58 -6.97 4.89
N VAL A 101 1.96 -6.91 3.61
CA VAL A 101 2.01 -5.67 2.86
C VAL A 101 1.22 -5.81 1.56
N CYS A 102 0.40 -4.80 1.26
CA CYS A 102 -0.38 -4.73 0.04
C CYS A 102 -0.19 -3.35 -0.61
N VAL A 103 0.21 -3.36 -1.88
CA VAL A 103 0.43 -2.16 -2.68
C VAL A 103 -0.60 -2.25 -3.82
N LEU A 104 -1.39 -1.19 -3.97
CA LEU A 104 -2.44 -1.15 -4.98
C LEU A 104 -2.29 0.15 -5.76
N VAL A 105 -2.17 0.02 -7.09
CA VAL A 105 -2.03 1.19 -7.96
C VAL A 105 -3.19 1.08 -8.96
N SER A 106 -4.10 2.05 -8.93
CA SER A 106 -5.27 1.97 -9.76
C SER A 106 -5.99 3.29 -9.97
N ARG A 107 -6.78 3.36 -11.04
CA ARG A 107 -7.62 4.54 -11.23
C ARG A 107 -8.75 4.24 -10.26
N GLY A 108 -9.44 5.29 -9.81
CA GLY A 108 -10.55 5.06 -8.91
C GLY A 108 -11.31 6.33 -8.60
N GLY A 109 -12.13 6.27 -7.57
CA GLY A 109 -12.88 7.43 -7.16
C GLY A 109 -12.34 7.68 -5.76
N SER A 110 -12.98 8.56 -5.01
CA SER A 110 -12.51 8.78 -3.64
C SER A 110 -12.93 7.55 -2.85
N GLN A 111 -11.98 6.95 -2.14
CA GLN A 111 -12.31 5.77 -1.34
C GLN A 111 -12.69 4.50 -2.12
N SER A 112 -12.34 4.42 -3.41
CA SER A 112 -12.63 3.21 -4.19
C SER A 112 -11.68 3.04 -5.36
N VAL A 113 -11.53 1.82 -5.84
CA VAL A 113 -10.67 1.56 -7.00
C VAL A 113 -11.45 0.85 -8.12
N TYR A 114 -11.15 1.20 -9.36
CA TYR A 114 -11.84 0.61 -10.51
C TYR A 114 -11.05 -0.53 -11.17
N GLY A 115 -9.80 -0.73 -10.79
CA GLY A 115 -9.02 -1.74 -11.52
C GLY A 115 -9.06 -1.20 -12.94
N VAL A 116 -9.14 -2.07 -13.95
CA VAL A 116 -9.18 -1.59 -15.33
C VAL A 116 -10.58 -1.33 -15.87
N ASP A 117 -11.59 -1.40 -15.01
CA ASP A 117 -12.99 -1.17 -15.42
C ASP A 117 -13.33 0.28 -15.71
N GLN A 118 -14.21 0.48 -16.70
CA GLN A 118 -14.70 1.81 -17.03
C GLN A 118 -15.96 1.88 -16.18
N THR A 119 -15.85 2.46 -15.00
CA THR A 119 -17.00 2.50 -14.13
C THR A 119 -16.97 3.73 -13.26
N HIS A 120 -18.07 3.99 -12.56
CA HIS A 120 -18.14 5.12 -11.66
C HIS A 120 -18.43 4.65 -10.26
N SER A 121 -18.66 3.36 -10.10
CA SER A 121 -18.87 2.78 -8.78
C SER A 121 -17.79 1.72 -8.65
N GLY A 122 -16.76 2.04 -7.88
CA GLY A 122 -15.66 1.14 -7.72
C GLY A 122 -15.73 0.26 -6.50
N LEU A 123 -14.69 -0.55 -6.33
CA LEU A 123 -14.56 -1.45 -5.22
C LEU A 123 -14.21 -0.57 -4.02
N PRO A 124 -15.10 -0.48 -3.02
CA PRO A 124 -14.83 0.36 -1.83
C PRO A 124 -13.55 -0.02 -1.11
N LEU A 125 -12.77 0.97 -0.73
CA LEU A 125 -11.54 0.68 -0.01
C LEU A 125 -11.83 0.01 1.33
N HIS A 126 -12.91 0.41 2.00
CA HIS A 126 -13.21 -0.19 3.30
C HIS A 126 -13.56 -1.66 3.14
N HIS A 127 -14.03 -2.04 1.96
CA HIS A 127 -14.34 -3.45 1.71
C HIS A 127 -13.02 -4.19 1.60
N ILE A 128 -11.99 -3.51 1.14
CA ILE A 128 -10.69 -4.15 1.02
C ILE A 128 -10.13 -4.43 2.41
N ARG A 129 -9.96 -3.40 3.22
CA ARG A 129 -9.39 -3.63 4.54
C ARG A 129 -10.24 -4.59 5.35
N ARG A 130 -11.53 -4.59 5.09
CA ARG A 130 -12.46 -5.47 5.79
C ARG A 130 -12.07 -6.95 5.63
N MET A 131 -11.56 -7.31 4.47
CA MET A 131 -11.15 -8.68 4.19
C MET A 131 -9.96 -9.15 5.03
N PHE A 132 -9.18 -8.20 5.55
CA PHE A 132 -8.00 -8.59 6.34
C PHE A 132 -8.11 -8.37 7.84
N MET A 133 -9.31 -8.08 8.32
CA MET A 133 -9.51 -7.88 9.75
C MET A 133 -9.39 -9.21 10.48
N GLY A 134 -9.08 -9.14 11.77
CA GLY A 134 -8.92 -10.34 12.58
C GLY A 134 -9.96 -11.44 12.42
N ASP A 135 -11.23 -11.07 12.32
CA ASP A 135 -12.27 -12.09 12.18
C ASP A 135 -12.23 -12.79 10.83
N SER A 136 -12.10 -12.04 9.75
CA SER A 136 -12.03 -12.65 8.43
C SER A 136 -10.63 -13.16 8.10
N CYS A 137 -9.62 -12.71 8.85
CA CYS A 137 -8.25 -13.13 8.60
C CYS A 137 -7.51 -13.40 9.90
N PRO A 138 -7.84 -14.51 10.58
CA PRO A 138 -7.23 -14.94 11.85
C PRO A 138 -5.73 -15.07 11.80
N TYR A 139 -5.21 -15.56 10.67
CA TYR A 139 -3.78 -15.77 10.52
C TYR A 139 -2.90 -14.52 10.62
N LEU A 140 -3.51 -13.34 10.50
CA LEU A 140 -2.75 -12.09 10.60
C LEU A 140 -3.18 -11.31 11.83
N ALA A 141 -4.01 -11.92 12.65
CA ALA A 141 -4.50 -11.29 13.88
C ALA A 141 -3.31 -10.84 14.72
N GLY A 142 -3.34 -9.61 15.21
CA GLY A 142 -2.24 -9.10 16.02
C GLY A 142 -0.99 -8.76 15.21
N LYS A 143 -1.09 -8.85 13.89
CA LYS A 143 0.06 -8.56 13.04
C LYS A 143 -0.14 -7.32 12.17
N PRO A 144 0.95 -6.56 11.94
CA PRO A 144 0.83 -5.34 11.13
C PRO A 144 0.46 -5.64 9.69
N LYS A 145 -0.63 -5.02 9.25
CA LYS A 145 -1.16 -5.16 7.90
C LYS A 145 -1.04 -3.77 7.27
N MET A 146 -0.07 -3.64 6.35
CA MET A 146 0.23 -2.38 5.69
C MET A 146 -0.29 -2.27 4.24
N PHE A 147 -1.04 -1.21 3.98
CA PHE A 147 -1.61 -0.94 2.67
C PHE A 147 -1.06 0.39 2.16
N PHE A 148 -0.49 0.39 0.95
CA PHE A 148 0.07 1.57 0.29
C PHE A 148 -0.69 1.62 -1.02
N ILE A 149 -1.49 2.66 -1.17
CA ILE A 149 -2.37 2.79 -2.31
C ILE A 149 -2.17 4.06 -3.11
N GLN A 150 -1.95 3.92 -4.42
CA GLN A 150 -1.82 5.09 -5.31
C GLN A 150 -3.08 5.06 -6.16
N ASN A 151 -3.95 6.03 -5.93
CA ASN A 151 -5.20 6.13 -6.64
C ASN A 151 -5.12 7.32 -7.61
N TYR A 152 -5.75 7.20 -8.79
CA TYR A 152 -5.79 8.31 -9.74
C TYR A 152 -7.28 8.59 -9.91
N VAL A 153 -7.65 9.83 -9.63
CA VAL A 153 -9.01 10.28 -9.62
C VAL A 153 -9.32 11.45 -10.56
N VAL A 154 -10.59 11.61 -10.92
CA VAL A 154 -11.01 12.72 -11.78
C VAL A 154 -11.25 13.94 -10.90
N SER A 155 -10.61 15.05 -11.22
CA SER A 155 -10.75 16.28 -10.42
C SER A 155 -12.19 16.81 -10.35
N HIS A 188 -11.44 -3.21 17.84
CA HIS A 188 -10.48 -4.27 18.17
C HIS A 188 -10.03 -5.06 16.95
N ARG A 189 -11.00 -5.56 16.17
CA ARG A 189 -10.71 -6.32 14.98
C ARG A 189 -9.96 -5.45 13.97
N GLU A 190 -9.98 -4.14 14.23
CA GLU A 190 -9.32 -3.17 13.38
C GLU A 190 -7.96 -2.66 13.84
N ALA A 191 -7.36 -3.29 14.85
CA ALA A 191 -6.04 -2.87 15.34
C ALA A 191 -4.96 -3.40 14.39
N ASP A 192 -3.77 -2.79 14.45
CA ASP A 192 -2.63 -3.23 13.65
C ASP A 192 -2.70 -3.01 12.12
N PHE A 193 -3.54 -2.06 11.69
CA PHE A 193 -3.65 -1.69 10.28
C PHE A 193 -2.85 -0.40 10.06
N PHE A 194 -2.25 -0.28 8.88
CA PHE A 194 -1.49 0.90 8.46
C PHE A 194 -2.04 1.13 7.04
N TRP A 195 -2.62 2.30 6.85
CA TRP A 195 -3.29 2.62 5.61
C TRP A 195 -2.82 3.97 5.04
N SER A 196 -1.96 3.88 4.02
CA SER A 196 -1.44 5.05 3.36
C SER A 196 -2.08 5.16 1.98
N LEU A 197 -2.80 6.23 1.75
CA LEU A 197 -3.48 6.43 0.48
C LEU A 197 -3.06 7.72 -0.22
N CYS A 198 -2.55 7.58 -1.45
CA CYS A 198 -2.17 8.76 -2.21
C CYS A 198 -3.16 8.95 -3.35
N THR A 199 -3.68 10.15 -3.48
CA THR A 199 -4.61 10.44 -4.55
C THR A 199 -3.95 11.45 -5.50
N ALA A 200 -4.08 11.23 -6.80
CA ALA A 200 -3.49 12.15 -7.78
C ALA A 200 -4.47 12.33 -8.94
N ASP A 201 -4.29 13.39 -9.70
CA ASP A 201 -5.20 13.67 -10.80
C ASP A 201 -5.02 12.71 -11.96
N MET A 202 -6.15 12.25 -12.48
CA MET A 202 -6.23 11.35 -13.61
C MET A 202 -5.48 11.87 -14.85
N SER A 203 -5.40 13.19 -14.98
CA SER A 203 -4.73 13.78 -16.14
C SER A 203 -3.27 13.32 -16.24
N LEU A 204 -2.65 12.97 -15.10
CA LEU A 204 -1.27 12.49 -15.11
C LEU A 204 -1.10 11.20 -15.93
N LEU A 205 -2.14 10.39 -16.00
CA LEU A 205 -2.08 9.14 -16.72
C LEU A 205 -2.24 9.35 -18.22
N GLU A 206 -2.98 10.39 -18.58
CA GLU A 206 -3.20 10.72 -19.98
C GLU A 206 -1.87 11.20 -20.53
N GLN A 207 -1.15 11.95 -19.71
CA GLN A 207 0.15 12.47 -20.08
C GLN A 207 1.19 11.35 -20.18
N SER A 208 1.27 10.50 -19.16
CA SER A 208 2.25 9.40 -19.15
C SER A 208 1.81 8.34 -18.15
N HIS A 209 1.15 7.30 -18.63
CA HIS A 209 0.67 6.26 -17.73
C HIS A 209 1.79 5.28 -17.29
N SER A 210 2.99 5.40 -17.86
CA SER A 210 4.07 4.50 -17.47
C SER A 210 5.05 5.15 -16.51
N SER A 211 4.85 6.43 -16.20
CA SER A 211 5.74 7.12 -15.27
C SER A 211 5.26 6.93 -13.81
N PRO A 212 6.12 6.38 -12.93
CA PRO A 212 5.72 6.17 -11.52
C PRO A 212 5.42 7.46 -10.78
N SER A 213 4.39 7.44 -9.94
CA SER A 213 4.09 8.64 -9.18
C SER A 213 5.25 8.90 -8.23
N LEU A 214 5.37 10.16 -7.80
CA LEU A 214 6.42 10.54 -6.86
C LEU A 214 6.19 9.83 -5.53
N TYR A 215 4.93 9.60 -5.19
CA TYR A 215 4.61 8.92 -3.94
C TYR A 215 5.27 7.54 -3.93
N LEU A 216 5.07 6.76 -4.99
CA LEU A 216 5.70 5.42 -5.06
C LEU A 216 7.23 5.52 -5.09
N GLN A 217 7.75 6.54 -5.76
CA GLN A 217 9.20 6.68 -5.82
C GLN A 217 9.78 7.02 -4.45
N CYS A 218 9.15 7.98 -3.77
CA CYS A 218 9.62 8.40 -2.46
C CYS A 218 9.51 7.26 -1.43
N LEU A 219 8.40 6.52 -1.49
CA LEU A 219 8.17 5.41 -0.59
C LEU A 219 9.25 4.36 -0.77
N SER A 220 9.54 4.03 -2.02
CA SER A 220 10.59 3.08 -2.34
C SER A 220 11.93 3.57 -1.80
N GLN A 221 12.23 4.85 -2.04
CA GLN A 221 13.51 5.42 -1.57
C GLN A 221 13.70 5.33 -0.05
N LYS A 222 12.69 5.80 0.68
CA LYS A 222 12.73 5.82 2.13
C LYS A 222 12.87 4.42 2.73
N LEU A 223 11.99 3.50 2.34
CA LEU A 223 12.04 2.16 2.90
C LEU A 223 13.33 1.44 2.55
N ARG A 224 13.81 1.63 1.33
CA ARG A 224 15.03 0.97 0.89
C ARG A 224 16.27 1.59 1.52
N GLN A 225 16.29 2.90 1.68
CA GLN A 225 17.49 3.53 2.24
C GLN A 225 17.52 3.68 3.74
N GLU A 226 16.36 3.58 4.39
CA GLU A 226 16.30 3.77 5.83
C GLU A 226 15.46 2.74 6.55
N ARG A 227 15.56 1.47 6.14
CA ARG A 227 14.77 0.39 6.72
C ARG A 227 14.81 0.23 8.24
N LYS A 228 15.77 0.88 8.91
CA LYS A 228 15.89 0.79 10.37
C LYS A 228 15.05 1.81 11.12
N ARG A 229 14.56 2.83 10.44
CA ARG A 229 13.72 3.81 11.12
C ARG A 229 12.26 3.34 11.09
N PRO A 230 11.47 3.71 12.11
CA PRO A 230 10.08 3.26 12.08
C PRO A 230 9.31 3.73 10.85
N LEU A 231 8.41 2.88 10.37
CA LEU A 231 7.63 3.20 9.18
C LEU A 231 6.94 4.56 9.30
N LEU A 232 6.37 4.82 10.47
CA LEU A 232 5.65 6.07 10.73
C LEU A 232 6.54 7.31 10.56
N ASP A 233 7.79 7.23 11.04
CA ASP A 233 8.72 8.34 10.90
C ASP A 233 9.09 8.58 9.43
N LEU A 234 9.20 7.48 8.67
CA LEU A 234 9.53 7.59 7.24
C LEU A 234 8.35 8.23 6.53
N HIS A 235 7.15 7.86 6.94
CA HIS A 235 5.97 8.40 6.32
C HIS A 235 5.84 9.91 6.60
N ILE A 236 6.30 10.36 7.77
CA ILE A 236 6.27 11.80 8.12
C ILE A 236 7.17 12.55 7.14
N GLU A 237 8.36 12.01 6.90
CA GLU A 237 9.31 12.61 5.95
C GLU A 237 8.68 12.57 4.56
N LEU A 238 7.99 11.48 4.22
CA LEU A 238 7.34 11.44 2.91
C LEU A 238 6.29 12.56 2.84
N ASN A 239 5.56 12.82 3.93
CA ASN A 239 4.56 13.90 3.99
C ASN A 239 5.24 15.21 3.62
N GLY A 240 6.35 15.50 4.31
CA GLY A 240 7.11 16.71 4.08
C GLY A 240 7.60 16.79 2.64
N TYR A 241 8.07 15.67 2.11
CA TYR A 241 8.55 15.59 0.73
C TYR A 241 7.42 15.92 -0.25
N MET A 242 6.23 15.34 -0.05
CA MET A 242 5.09 15.62 -0.94
C MET A 242 4.57 17.06 -0.83
N TYR A 243 4.60 17.63 0.37
CA TYR A 243 4.15 19.01 0.57
C TYR A 243 5.08 19.95 -0.17
N ASP A 244 6.39 19.67 -0.14
CA ASP A 244 7.35 20.52 -0.81
C ASP A 244 7.16 20.43 -2.33
N TRP A 245 6.92 19.23 -2.84
CA TRP A 245 6.68 19.05 -4.26
C TRP A 245 5.43 19.83 -4.66
N ASN A 246 4.35 19.65 -3.89
CA ASN A 246 3.09 20.31 -4.18
C ASN A 246 3.18 21.83 -4.22
N SER A 247 4.05 22.39 -3.39
CA SER A 247 4.18 23.83 -3.35
C SER A 247 4.88 24.42 -4.59
N ARG A 248 5.53 23.59 -5.38
CA ARG A 248 6.24 24.08 -6.56
C ARG A 248 5.58 23.77 -7.90
N VAL A 249 4.45 23.06 -7.91
CA VAL A 249 3.86 22.70 -9.20
C VAL A 249 2.40 23.09 -9.35
N SER A 250 1.88 22.90 -10.55
CA SER A 250 0.48 23.21 -10.83
C SER A 250 -0.45 22.20 -10.18
N ALA A 251 -1.68 22.63 -9.90
CA ALA A 251 -2.70 21.79 -9.27
C ALA A 251 -2.76 20.34 -9.76
N LYS A 252 -2.74 20.17 -11.07
CA LYS A 252 -2.83 18.84 -11.65
C LYS A 252 -1.66 17.91 -11.43
N GLU A 253 -0.51 18.45 -11.06
CA GLU A 253 0.66 17.61 -10.83
C GLU A 253 0.84 17.24 -9.36
N LYS A 254 -0.07 17.70 -8.52
CA LYS A 254 0.04 17.45 -7.08
C LYS A 254 -0.33 16.05 -6.60
N TYR A 255 0.17 15.69 -5.42
CA TYR A 255 -0.13 14.40 -4.82
C TYR A 255 -0.62 14.67 -3.42
N TYR A 256 -1.76 14.09 -3.08
CA TYR A 256 -2.34 14.24 -1.76
C TYR A 256 -2.23 12.92 -1.02
N VAL A 257 -1.61 12.96 0.16
CA VAL A 257 -1.41 11.75 0.93
C VAL A 257 -2.21 11.73 2.22
N TRP A 258 -3.00 10.69 2.38
CA TRP A 258 -3.82 10.50 3.57
C TRP A 258 -3.32 9.28 4.33
N LEU A 259 -3.04 9.45 5.61
CA LEU A 259 -2.60 8.34 6.43
C LEU A 259 -3.52 8.10 7.62
N GLN A 260 -3.91 6.84 7.79
CA GLN A 260 -4.75 6.42 8.88
C GLN A 260 -4.17 5.10 9.41
N HIS A 261 -3.98 4.96 10.72
CA HIS A 261 -3.49 3.69 11.24
C HIS A 261 -4.01 3.36 12.65
N THR A 262 -3.88 2.09 13.03
CA THR A 262 -4.30 1.63 14.33
C THR A 262 -3.17 0.82 14.96
N LEU A 263 -1.94 1.25 14.72
CA LEU A 263 -0.78 0.55 15.28
C LEU A 263 -0.81 0.67 16.79
N ARG A 264 -0.27 -0.36 17.45
CA ARG A 264 -0.26 -0.42 18.91
C ARG A 264 1.15 -0.51 19.41
N LYS A 265 2.10 -0.64 18.50
CA LYS A 265 3.50 -0.76 18.88
C LYS A 265 4.34 -0.11 17.81
N LYS A 266 5.60 0.12 18.12
CA LYS A 266 6.51 0.71 17.15
C LYS A 266 6.70 -0.30 16.01
N LEU A 267 6.55 0.19 14.78
CA LEU A 267 6.69 -0.66 13.61
C LEU A 267 7.91 -0.33 12.76
N ILE A 268 8.84 -1.27 12.71
CA ILE A 268 10.08 -1.14 11.95
C ILE A 268 10.20 -2.36 11.03
N LEU A 269 10.32 -2.09 9.73
CA LEU A 269 10.40 -3.16 8.73
C LEU A 269 11.78 -3.80 8.54
N SER A 270 12.31 -4.37 9.61
CA SER A 270 13.61 -5.05 9.59
C SER A 270 13.85 -5.56 10.99
N TYR A 271 14.94 -6.31 11.19
CA TYR A 271 15.21 -6.78 12.54
C TYR A 271 16.16 -5.83 13.25
#